data_4P4C
#
_entry.id   4P4C
#
_cell.length_a   53.914
_cell.length_b   38.164
_cell.length_c   75.527
_cell.angle_alpha   90.000
_cell.angle_beta   101.590
_cell.angle_gamma   90.000
#
_symmetry.space_group_name_H-M   'P 1 21 1'
#
loop_
_entity.id
_entity.type
_entity.pdbx_description
1 polymer 'EPH receptor A3'
2 non-polymer 2-amino-1-(3-methoxyphenyl)-1H-pyrrolo[2,3-b]quinoxaline-3-carboxamide
3 water water
#
_entity_poly.entity_id   1
_entity_poly.type   'polypeptide(L)'
_entity_poly.pdbx_seq_one_letter_code
;MGSSHHHHHHSSGLVPRGSTQTVHEFAKELDATNISIDKVVGAGEFGEVCSGRLKLPSKKEISVAIKTLKVGYTEKQRRD
FLGEASIMGQFDHPNIIRLEGVVTKSKPVMIVTEYMENGSLDSFLRKHDAQFTVIQLVGMLRGIASGMKYLSDMGYVHRD
LAARNILINSNLVCKVSDFGLSRVLEDDPEAAYTTRGGKIPIRWTSPEAIAYRKFTSASDVWSYGIVLWEVMSYGERPYW
EMSNQDVIKAVDEGYRLPPPMDCPAALYQLMLDCWQKDRNNRPKFEQIVSILDKLIRNPGSLKIITSAAARPSNLLLDQS
NVDITTFRTTGDWLNGVWTAHCKEIFTGVEYSSCDTIAKIS
;
_entity_poly.pdbx_strand_id   A
#
loop_
_chem_comp.id
_chem_comp.type
_chem_comp.name
_chem_comp.formula
25Q non-polymer 2-amino-1-(3-methoxyphenyl)-1H-pyrrolo[2,3-b]quinoxaline-3-carboxamide 'C18 H15 N5 O2'
#
# COMPACT_ATOMS: atom_id res chain seq x y z
N ALA A 27 17.06 4.09 -12.60
CA ALA A 27 17.55 4.60 -11.32
C ALA A 27 18.79 5.49 -11.51
N LYS A 28 18.67 6.76 -11.10
CA LYS A 28 19.84 7.65 -11.05
C LYS A 28 20.91 7.08 -10.14
N GLU A 29 22.16 7.07 -10.59
CA GLU A 29 23.26 6.77 -9.70
C GLU A 29 23.55 8.01 -8.87
N LEU A 30 23.47 7.86 -7.55
CA LEU A 30 23.73 8.96 -6.65
C LEU A 30 25.19 8.95 -6.19
N ASP A 31 25.75 10.15 -5.99
CA ASP A 31 27.05 10.29 -5.36
C ASP A 31 26.89 10.08 -3.86
N ALA A 32 27.63 9.14 -3.28
CA ALA A 32 27.50 8.81 -1.86
C ALA A 32 27.84 9.98 -0.92
N THR A 33 28.63 10.94 -1.40
CA THR A 33 28.95 12.12 -0.59
C THR A 33 27.74 13.01 -0.39
N ASN A 34 26.67 12.79 -1.15
CA ASN A 34 25.45 13.58 -1.04
C ASN A 34 24.44 12.95 -0.07
N ILE A 35 24.81 11.81 0.49
CA ILE A 35 23.92 11.05 1.37
C ILE A 35 24.44 11.03 2.80
N SER A 36 23.59 11.45 3.74
CA SER A 36 23.90 11.27 5.15
C SER A 36 22.91 10.31 5.78
N ILE A 37 23.41 9.37 6.56
CA ILE A 37 22.56 8.41 7.23
C ILE A 37 22.49 8.77 8.71
N ASP A 38 21.27 8.95 9.20
CA ASP A 38 21.11 9.46 10.56
C ASP A 38 20.69 8.35 11.53
N LYS A 39 19.54 7.71 11.30
CA LYS A 39 19.07 6.67 12.21
C LYS A 39 18.45 5.46 11.50
N VAL A 40 18.49 4.31 12.18
CA VAL A 40 17.83 3.10 11.71
C VAL A 40 16.35 3.09 12.08
N VAL A 41 15.47 2.91 11.10
CA VAL A 41 14.03 2.95 11.36
C VAL A 41 13.32 1.64 11.06
N GLY A 42 14.07 0.62 10.66
CA GLY A 42 13.48 -0.67 10.37
C GLY A 42 14.46 -1.71 9.88
N ALA A 43 13.95 -2.92 9.67
CA ALA A 43 14.76 -4.02 9.16
C ALA A 43 14.14 -4.54 7.88
N GLY A 44 14.93 -4.59 6.83
CA GLY A 44 14.46 -5.05 5.54
C GLY A 44 14.90 -6.47 5.25
N GLU A 45 14.48 -7.00 4.11
CA GLU A 45 14.81 -8.35 3.75
C GLU A 45 16.30 -8.49 3.43
N PHE A 46 16.89 -7.43 2.89
CA PHE A 46 18.27 -7.48 2.41
C PHE A 46 19.24 -6.65 3.25
N GLY A 47 18.77 -6.09 4.36
CA GLY A 47 19.59 -5.24 5.19
C GLY A 47 18.78 -4.20 5.95
N GLU A 48 19.47 -3.19 6.48
CA GLU A 48 18.82 -2.16 7.28
C GLU A 48 18.03 -1.15 6.44
N VAL A 49 17.00 -0.57 7.06
CA VAL A 49 16.33 0.62 6.53
C VAL A 49 16.66 1.80 7.44
N CYS A 50 17.09 2.90 6.84
CA CYS A 50 17.46 4.07 7.62
C CYS A 50 16.76 5.34 7.15
N SER A 51 16.74 6.35 8.01
CA SER A 51 16.34 7.67 7.57
C SER A 51 17.60 8.51 7.46
N GLY A 52 17.52 9.58 6.71
CA GLY A 52 18.70 10.40 6.48
C GLY A 52 18.39 11.56 5.57
N ARG A 53 19.43 12.08 4.91
CA ARG A 53 19.28 13.26 4.10
C ARG A 53 20.00 13.07 2.78
N LEU A 54 19.45 13.65 1.73
CA LEU A 54 20.09 13.64 0.42
C LEU A 54 20.23 15.07 -0.10
N LYS A 55 21.44 15.42 -0.54
CA LYS A 55 21.67 16.70 -1.20
C LYS A 55 21.50 16.50 -2.71
N LEU A 56 20.54 17.22 -3.28
CA LEU A 56 20.26 17.16 -4.71
C LEU A 56 21.30 17.95 -5.49
N PRO A 57 21.38 17.75 -6.82
CA PRO A 57 22.37 18.49 -7.60
C PRO A 57 22.19 20.01 -7.49
N SER A 58 20.95 20.43 -7.29
CA SER A 58 20.61 21.84 -7.08
C SER A 58 21.04 22.39 -5.73
N LYS A 59 21.57 21.52 -4.89
CA LYS A 59 21.99 21.81 -3.52
C LYS A 59 20.88 21.74 -2.50
N LYS A 60 19.66 21.56 -2.95
CA LYS A 60 18.54 21.39 -2.02
C LYS A 60 18.74 20.11 -1.24
N GLU A 61 18.43 20.14 0.05
CA GLU A 61 18.57 18.98 0.92
C GLU A 61 17.19 18.46 1.30
N ILE A 62 16.97 17.16 1.12
CA ILE A 62 15.66 16.58 1.42
C ILE A 62 15.81 15.41 2.37
N SER A 63 14.74 15.07 3.09
CA SER A 63 14.75 13.87 3.92
C SER A 63 14.49 12.66 3.05
N VAL A 64 15.19 11.58 3.34
CA VAL A 64 15.05 10.36 2.56
C VAL A 64 15.04 9.14 3.44
N ALA A 65 14.55 8.03 2.90
CA ALA A 65 14.75 6.72 3.48
C ALA A 65 15.86 6.03 2.71
N ILE A 66 16.69 5.26 3.43
CA ILE A 66 17.83 4.60 2.81
C ILE A 66 17.84 3.12 3.17
N LYS A 67 17.85 2.29 2.15
CA LYS A 67 17.98 0.86 2.35
C LYS A 67 19.38 0.44 1.93
N THR A 68 20.03 -0.34 2.79
CA THR A 68 21.39 -0.80 2.51
C THR A 68 21.40 -2.29 2.30
N LEU A 69 22.22 -2.72 1.35
CA LEU A 69 22.39 -4.13 1.08
C LEU A 69 23.42 -4.68 2.05
N LYS A 70 23.09 -5.78 2.72
CA LYS A 70 23.93 -6.29 3.79
C LYS A 70 25.34 -6.66 3.29
N VAL A 71 26.32 -6.46 4.16
CA VAL A 71 27.68 -6.87 3.85
C VAL A 71 27.69 -8.37 3.54
N GLY A 72 28.43 -8.77 2.52
CA GLY A 72 28.59 -10.18 2.20
C GLY A 72 27.41 -10.74 1.42
N TYR A 73 26.71 -9.84 0.74
CA TYR A 73 25.58 -10.23 -0.10
C TYR A 73 26.00 -11.19 -1.22
N THR A 74 25.06 -12.05 -1.62
CA THR A 74 25.26 -12.87 -2.81
C THR A 74 24.87 -12.07 -4.05
N GLU A 75 25.27 -12.52 -5.22
CA GLU A 75 24.97 -11.77 -6.44
C GLU A 75 23.47 -11.80 -6.74
N LYS A 76 22.80 -12.86 -6.29
CA LYS A 76 21.35 -12.96 -6.43
C LYS A 76 20.65 -11.95 -5.52
N GLN A 77 21.14 -11.84 -4.29
CA GLN A 77 20.59 -10.88 -3.34
C GLN A 77 20.72 -9.47 -3.88
N ARG A 78 21.87 -9.17 -4.49
CA ARG A 78 22.10 -7.87 -5.10
C ARG A 78 21.08 -7.60 -6.21
N ARG A 79 20.83 -8.62 -7.03
CA ARG A 79 19.92 -8.49 -8.15
C ARG A 79 18.49 -8.28 -7.67
N ASP A 80 18.09 -9.04 -6.65
CA ASP A 80 16.75 -8.93 -6.10
C ASP A 80 16.58 -7.59 -5.39
N PHE A 81 17.60 -7.19 -4.63
CA PHE A 81 17.62 -5.90 -3.95
C PHE A 81 17.40 -4.76 -4.95
N LEU A 82 18.27 -4.68 -5.95
CA LEU A 82 18.21 -3.59 -6.92
C LEU A 82 17.00 -3.69 -7.82
N GLY A 83 16.44 -4.89 -7.94
CA GLY A 83 15.25 -5.10 -8.74
C GLY A 83 14.09 -4.23 -8.27
N GLU A 84 13.99 -4.03 -6.95
CA GLU A 84 12.93 -3.18 -6.42
C GLU A 84 13.08 -1.75 -6.93
N ALA A 85 14.32 -1.27 -6.99
CA ALA A 85 14.59 0.06 -7.48
C ALA A 85 14.27 0.18 -8.96
N SER A 86 14.58 -0.86 -9.72
CA SER A 86 14.32 -0.86 -11.16
C SER A 86 12.83 -0.72 -11.45
N ILE A 87 12.00 -1.41 -10.66
CA ILE A 87 10.56 -1.33 -10.81
C ILE A 87 10.04 0.03 -10.32
N MET A 88 10.40 0.38 -9.09
CA MET A 88 9.97 1.64 -8.51
C MET A 88 10.34 2.83 -9.39
N GLY A 89 11.51 2.77 -10.02
CA GLY A 89 11.98 3.87 -10.84
C GLY A 89 11.15 4.14 -12.08
N GLN A 90 10.25 3.22 -12.42
CA GLN A 90 9.44 3.40 -13.61
C GLN A 90 8.23 4.27 -13.33
N PHE A 91 7.98 4.54 -12.05
CA PHE A 91 6.77 5.22 -11.65
C PHE A 91 7.08 6.59 -11.07
N ASP A 92 6.41 7.60 -11.59
CA ASP A 92 6.51 8.96 -11.09
C ASP A 92 5.11 9.49 -10.82
N HIS A 93 4.68 9.40 -9.56
CA HIS A 93 3.30 9.71 -9.21
C HIS A 93 3.25 10.15 -7.75
N PRO A 94 2.38 11.13 -7.41
CA PRO A 94 2.38 11.58 -6.02
C PRO A 94 1.98 10.53 -4.99
N ASN A 95 1.36 9.43 -5.43
CA ASN A 95 0.92 8.40 -4.49
C ASN A 95 1.65 7.08 -4.69
N ILE A 96 2.82 7.14 -5.31
CA ILE A 96 3.72 6.01 -5.39
C ILE A 96 5.06 6.45 -4.81
N ILE A 97 5.65 5.62 -3.95
CA ILE A 97 6.89 6.03 -3.30
C ILE A 97 7.91 6.41 -4.38
N ARG A 98 8.53 7.56 -4.16
CA ARG A 98 9.46 8.14 -5.11
C ARG A 98 10.87 7.61 -4.91
N LEU A 99 11.43 7.02 -5.96
CA LEU A 99 12.85 6.63 -5.98
C LEU A 99 13.71 7.86 -6.24
N GLU A 100 14.59 8.19 -5.31
CA GLU A 100 15.52 9.28 -5.52
C GLU A 100 16.75 8.78 -6.29
N GLY A 101 17.14 7.52 -6.05
CA GLY A 101 18.23 6.93 -6.79
C GLY A 101 18.88 5.76 -6.09
N VAL A 102 19.98 5.27 -6.66
CA VAL A 102 20.71 4.14 -6.09
C VAL A 102 22.21 4.46 -5.97
N VAL A 103 22.87 3.71 -5.11
CA VAL A 103 24.33 3.73 -5.02
C VAL A 103 24.82 2.33 -5.29
N THR A 104 25.58 2.16 -6.36
CA THR A 104 26.04 0.83 -6.74
C THR A 104 27.55 0.80 -6.95
N LYS A 105 28.13 1.97 -7.26
CA LYS A 105 29.54 2.05 -7.60
C LYS A 105 30.41 2.18 -6.35
N SER A 106 29.77 2.25 -5.19
CA SER A 106 30.49 2.12 -3.93
C SER A 106 29.67 1.26 -2.99
N LYS A 107 30.25 0.86 -1.87
CA LYS A 107 29.58 -0.07 -0.99
C LYS A 107 29.56 0.47 0.44
N PRO A 108 28.50 0.17 1.19
CA PRO A 108 27.35 -0.68 0.80
C PRO A 108 26.51 -0.10 -0.34
N VAL A 109 25.93 -1.01 -1.13
CA VAL A 109 24.96 -0.70 -2.17
C VAL A 109 23.69 -0.17 -1.51
N MET A 110 23.08 0.86 -2.10
CA MET A 110 21.95 1.53 -1.46
C MET A 110 20.81 1.86 -2.40
N ILE A 111 19.61 1.87 -1.84
CA ILE A 111 18.44 2.43 -2.51
C ILE A 111 17.97 3.62 -1.67
N VAL A 112 17.68 4.73 -2.32
CA VAL A 112 17.25 5.94 -1.62
C VAL A 112 15.87 6.39 -2.12
N THR A 113 14.93 6.56 -1.21
CA THR A 113 13.58 6.99 -1.58
C THR A 113 13.18 8.19 -0.78
N GLU A 114 12.05 8.79 -1.13
CA GLU A 114 11.49 9.84 -0.28
C GLU A 114 11.21 9.29 1.11
N TYR A 115 11.18 10.18 2.09
CA TYR A 115 10.95 9.80 3.48
C TYR A 115 9.48 10.01 3.83
N MET A 116 8.95 9.05 4.58
CA MET A 116 7.55 9.06 5.00
C MET A 116 7.50 9.03 6.52
N GLU A 117 7.25 10.19 7.13
CA GLU A 117 7.46 10.33 8.57
C GLU A 117 6.62 9.40 9.43
N ASN A 118 5.42 9.06 8.96
CA ASN A 118 4.50 8.28 9.78
C ASN A 118 4.49 6.79 9.46
N GLY A 119 5.41 6.36 8.59
CA GLY A 119 5.68 4.95 8.44
C GLY A 119 4.60 4.13 7.76
N SER A 120 4.50 2.86 8.11
CA SER A 120 3.52 1.98 7.48
C SER A 120 2.11 2.35 7.92
N LEU A 121 1.18 2.31 6.98
CA LEU A 121 -0.17 2.77 7.25
C LEU A 121 -0.88 1.93 8.32
N ASP A 122 -0.71 0.61 8.30
CA ASP A 122 -1.45 -0.21 9.26
C ASP A 122 -0.97 0.05 10.68
N SER A 123 0.35 0.12 10.89
CA SER A 123 0.85 0.39 12.24
C SER A 123 0.51 1.82 12.67
N PHE A 124 0.50 2.77 11.72
CA PHE A 124 0.09 4.13 12.05
C PHE A 124 -1.35 4.19 12.52
N LEU A 125 -2.27 3.55 11.81
CA LEU A 125 -3.68 3.61 12.20
C LEU A 125 -3.95 2.93 13.52
N ARG A 126 -3.19 1.87 13.83
CA ARG A 126 -3.34 1.14 15.09
C ARG A 126 -3.03 2.04 16.29
N LYS A 127 -2.20 3.06 16.08
CA LYS A 127 -1.86 3.98 17.16
C LYS A 127 -2.93 5.04 17.36
N HIS A 128 -3.89 5.09 16.45
CA HIS A 128 -4.84 6.18 16.48
C HIS A 128 -6.27 5.70 16.30
N ASP A 129 -6.61 4.59 16.92
CA ASP A 129 -7.95 4.01 16.78
C ASP A 129 -9.05 5.03 17.06
N ALA A 130 -9.91 5.25 16.06
CA ALA A 130 -11.09 6.10 16.17
C ALA A 130 -10.76 7.59 16.36
N GLN A 131 -9.57 8.01 15.93
CA GLN A 131 -9.13 9.38 16.17
C GLN A 131 -9.16 10.28 14.93
N PHE A 132 -9.42 9.70 13.76
CA PHE A 132 -9.46 10.50 12.53
C PHE A 132 -10.90 10.68 12.06
N THR A 133 -11.14 11.75 11.31
CA THR A 133 -12.46 11.94 10.73
C THR A 133 -12.64 11.04 9.52
N VAL A 134 -13.90 10.77 9.17
CA VAL A 134 -14.18 9.98 7.98
C VAL A 134 -13.55 10.64 6.75
N ILE A 135 -13.58 11.96 6.67
CA ILE A 135 -13.02 12.64 5.51
C ILE A 135 -11.49 12.48 5.46
N GLN A 136 -10.84 12.49 6.62
CA GLN A 136 -9.40 12.21 6.66
C GLN A 136 -9.11 10.80 6.13
N LEU A 137 -9.89 9.83 6.58
CA LEU A 137 -9.68 8.45 6.14
C LEU A 137 -9.92 8.34 4.64
N VAL A 138 -10.95 9.02 4.15
CA VAL A 138 -11.29 8.94 2.72
C VAL A 138 -10.18 9.59 1.89
N GLY A 139 -9.56 10.63 2.43
CA GLY A 139 -8.42 11.23 1.77
C GLY A 139 -7.26 10.26 1.58
N MET A 140 -6.95 9.51 2.63
CA MET A 140 -5.92 8.47 2.57
C MET A 140 -6.27 7.47 1.49
N LEU A 141 -7.51 6.99 1.52
CA LEU A 141 -7.98 5.98 0.58
C LEU A 141 -7.96 6.46 -0.87
N ARG A 142 -8.28 7.72 -1.10
CA ARG A 142 -8.29 8.29 -2.44
C ARG A 142 -6.86 8.33 -2.99
N GLY A 143 -5.90 8.70 -2.15
CA GLY A 143 -4.49 8.68 -2.53
C GLY A 143 -4.04 7.30 -2.96
N ILE A 144 -4.34 6.29 -2.14
CA ILE A 144 -3.99 4.93 -2.48
C ILE A 144 -4.62 4.52 -3.81
N ALA A 145 -5.90 4.84 -4.01
CA ALA A 145 -6.55 4.48 -5.26
C ALA A 145 -5.93 5.17 -6.47
N SER A 146 -5.55 6.42 -6.29
CA SER A 146 -4.91 7.17 -7.38
C SER A 146 -3.55 6.53 -7.75
N GLY A 147 -2.77 6.15 -6.75
CA GLY A 147 -1.52 5.45 -7.03
C GLY A 147 -1.74 4.14 -7.76
N MET A 148 -2.75 3.38 -7.32
CA MET A 148 -3.07 2.12 -7.98
C MET A 148 -3.58 2.31 -9.40
N LYS A 149 -4.35 3.39 -9.61
CA LYS A 149 -4.84 3.72 -10.95
C LYS A 149 -3.64 3.91 -11.88
N TYR A 150 -2.61 4.60 -11.42
CA TYR A 150 -1.44 4.81 -12.27
C TYR A 150 -0.68 3.49 -12.49
N LEU A 151 -0.51 2.70 -11.44
CA LEU A 151 0.19 1.41 -11.57
C LEU A 151 -0.48 0.54 -12.62
N SER A 152 -1.81 0.44 -12.54
CA SER A 152 -2.56 -0.41 -13.47
C SER A 152 -2.50 0.17 -14.86
N ASP A 153 -2.51 1.50 -14.96
CA ASP A 153 -2.35 2.19 -16.25
C ASP A 153 -1.05 1.79 -16.92
N MET A 154 -0.03 1.55 -16.11
CA MET A 154 1.30 1.22 -16.61
C MET A 154 1.50 -0.27 -16.85
N GLY A 155 0.48 -1.07 -16.60
CA GLY A 155 0.58 -2.51 -16.82
C GLY A 155 1.15 -3.31 -15.67
N TYR A 156 1.28 -2.65 -14.52
CA TYR A 156 1.84 -3.29 -13.36
C TYR A 156 0.76 -3.86 -12.45
N VAL A 157 0.84 -5.15 -12.19
CA VAL A 157 -0.01 -5.76 -11.17
C VAL A 157 0.84 -5.95 -9.91
N HIS A 158 0.46 -5.31 -8.81
CA HIS A 158 1.21 -5.30 -7.58
C HIS A 158 1.31 -6.58 -6.80
N ARG A 159 0.18 -7.21 -6.58
CA ARG A 159 0.03 -8.54 -6.07
C ARG A 159 0.22 -8.60 -4.59
N ASP A 160 0.68 -7.50 -4.01
CA ASP A 160 0.88 -7.44 -2.57
C ASP A 160 0.28 -6.18 -1.93
N LEU A 161 -0.82 -5.70 -2.46
CA LEU A 161 -1.42 -4.47 -1.96
C LEU A 161 -2.09 -4.73 -0.62
N ALA A 162 -1.61 -4.03 0.39
CA ALA A 162 -2.01 -4.24 1.79
C ALA A 162 -1.61 -3.00 2.56
N ALA A 163 -2.31 -2.70 3.65
CA ALA A 163 -2.01 -1.47 4.39
C ALA A 163 -0.55 -1.45 4.89
N ARG A 164 0.00 -2.63 5.18
CA ARG A 164 1.38 -2.71 5.63
C ARG A 164 2.38 -2.31 4.53
N ASN A 165 1.92 -2.30 3.29
CA ASN A 165 2.76 -1.93 2.16
C ASN A 165 2.43 -0.55 1.62
N ILE A 166 1.69 0.22 2.40
CA ILE A 166 1.43 1.62 2.12
C ILE A 166 2.18 2.44 3.15
N LEU A 167 2.84 3.50 2.73
CA LEU A 167 3.52 4.41 3.65
C LEU A 167 2.74 5.72 3.74
N ILE A 168 2.84 6.40 4.88
CA ILE A 168 2.06 7.63 5.04
C ILE A 168 2.95 8.75 5.58
N ASN A 169 2.87 9.95 5.01
CA ASN A 169 3.81 10.99 5.42
C ASN A 169 3.26 11.95 6.47
N SER A 170 4.01 13.02 6.75
CA SER A 170 3.62 13.94 7.82
C SER A 170 2.26 14.60 7.57
N ASN A 171 1.84 14.70 6.31
CA ASN A 171 0.58 15.35 5.95
C ASN A 171 -0.53 14.34 5.65
N LEU A 172 -0.28 13.10 6.04
CA LEU A 172 -1.21 11.97 5.89
C LEU A 172 -1.41 11.54 4.43
N VAL A 173 -0.51 11.97 3.55
CA VAL A 173 -0.53 11.48 2.17
C VAL A 173 -0.02 10.04 2.13
N CYS A 174 -0.82 9.16 1.50
CA CYS A 174 -0.50 7.74 1.43
C CYS A 174 0.11 7.35 0.09
N LYS A 175 1.13 6.52 0.13
CA LYS A 175 1.83 6.12 -1.09
C LYS A 175 2.09 4.63 -1.12
N VAL A 176 1.90 4.06 -2.30
CA VAL A 176 2.09 2.65 -2.49
C VAL A 176 3.57 2.33 -2.50
N SER A 177 3.94 1.31 -1.77
CA SER A 177 5.30 0.84 -1.64
C SER A 177 5.37 -0.64 -1.93
N ASP A 178 6.49 -1.26 -1.61
CA ASP A 178 6.71 -2.69 -1.83
C ASP A 178 6.70 -3.22 -3.24
N PHE A 179 7.70 -2.84 -3.99
CA PHE A 179 7.83 -3.29 -5.35
C PHE A 179 8.87 -4.40 -5.45
N PRO A 201 0.27 -13.89 0.15
CA PRO A 201 -0.46 -13.07 1.11
C PRO A 201 -1.96 -13.36 1.05
N ILE A 202 -2.35 -14.51 1.58
CA ILE A 202 -3.69 -15.06 1.39
C ILE A 202 -4.81 -14.05 1.71
N ARG A 203 -4.70 -13.36 2.84
CA ARG A 203 -5.77 -12.46 3.30
C ARG A 203 -6.08 -11.30 2.37
N TRP A 204 -5.11 -10.95 1.52
CA TRP A 204 -5.27 -9.79 0.65
C TRP A 204 -5.51 -10.18 -0.81
N THR A 205 -5.47 -11.49 -1.07
CA THR A 205 -5.45 -11.98 -2.44
C THR A 205 -6.84 -12.43 -2.91
N SER A 206 -7.18 -12.10 -4.16
CA SER A 206 -8.52 -12.41 -4.68
C SER A 206 -8.70 -13.91 -4.79
N PRO A 207 -9.97 -14.37 -4.79
CA PRO A 207 -10.18 -15.83 -4.83
C PRO A 207 -9.58 -16.48 -6.07
N GLU A 208 -9.69 -15.84 -7.23
CA GLU A 208 -9.18 -16.44 -8.46
C GLU A 208 -7.65 -16.46 -8.47
N ALA A 209 -7.01 -15.48 -7.84
CA ALA A 209 -5.56 -15.50 -7.76
C ALA A 209 -5.09 -16.61 -6.81
N ILE A 210 -5.84 -16.83 -5.73
CA ILE A 210 -5.53 -17.95 -4.84
C ILE A 210 -5.81 -19.29 -5.53
N ALA A 211 -6.90 -19.36 -6.28
CA ALA A 211 -7.32 -20.62 -6.89
C ALA A 211 -6.38 -21.10 -7.99
N TYR A 212 -5.99 -20.22 -8.87
CA TYR A 212 -5.16 -20.58 -9.99
C TYR A 212 -4.20 -19.49 -10.51
N ARG A 213 -3.76 -18.64 -9.62
CA ARG A 213 -2.77 -17.61 -9.94
C ARG A 213 -3.22 -16.65 -11.05
N LYS A 214 -4.51 -16.38 -11.11
CA LYS A 214 -5.04 -15.40 -12.04
C LYS A 214 -4.89 -14.01 -11.44
N PHE A 215 -3.70 -13.42 -11.64
CA PHE A 215 -3.39 -12.08 -11.16
C PHE A 215 -3.63 -11.07 -12.28
N THR A 216 -4.48 -10.09 -12.00
CA THR A 216 -4.85 -9.03 -12.94
C THR A 216 -5.00 -7.73 -12.17
N SER A 217 -5.21 -6.62 -12.85
CA SER A 217 -5.50 -5.39 -12.10
C SER A 217 -6.77 -5.55 -11.27
N ALA A 218 -7.67 -6.43 -11.71
CA ALA A 218 -8.90 -6.70 -10.97
C ALA A 218 -8.62 -7.49 -9.68
N SER A 219 -7.55 -8.29 -9.64
CA SER A 219 -7.19 -8.89 -8.35
C SER A 219 -6.55 -7.83 -7.45
N ASP A 220 -5.88 -6.83 -8.01
CA ASP A 220 -5.44 -5.71 -7.18
C ASP A 220 -6.64 -4.91 -6.63
N VAL A 221 -7.72 -4.82 -7.41
CA VAL A 221 -8.91 -4.11 -6.91
C VAL A 221 -9.47 -4.87 -5.70
N TRP A 222 -9.45 -6.19 -5.75
CA TRP A 222 -9.83 -7.00 -4.59
C TRP A 222 -8.99 -6.60 -3.37
N SER A 223 -7.68 -6.55 -3.56
CA SER A 223 -6.75 -6.20 -2.49
C SER A 223 -7.07 -4.81 -1.97
N TYR A 224 -7.40 -3.90 -2.89
CA TYR A 224 -7.75 -2.55 -2.50
C TYR A 224 -8.98 -2.55 -1.58
N GLY A 225 -9.95 -3.40 -1.88
CA GLY A 225 -11.11 -3.52 -1.00
C GLY A 225 -10.70 -3.93 0.41
N ILE A 226 -9.71 -4.82 0.49
CA ILE A 226 -9.22 -5.26 1.79
C ILE A 226 -8.53 -4.08 2.49
N VAL A 227 -7.71 -3.33 1.76
CA VAL A 227 -7.07 -2.12 2.32
C VAL A 227 -8.13 -1.12 2.84
N LEU A 228 -9.19 -0.93 2.06
CA LEU A 228 -10.31 -0.09 2.48
C LEU A 228 -10.86 -0.56 3.83
N TRP A 229 -11.06 -1.86 3.97
CA TRP A 229 -11.51 -2.41 5.24
C TRP A 229 -10.49 -2.17 6.35
N GLU A 230 -9.22 -2.35 6.03
CA GLU A 230 -8.14 -2.13 7.01
C GLU A 230 -8.14 -0.70 7.51
N VAL A 231 -8.29 0.24 6.59
CA VAL A 231 -8.24 1.66 6.96
C VAL A 231 -9.44 2.02 7.82
N MET A 232 -10.64 1.61 7.41
CA MET A 232 -11.82 1.95 8.19
C MET A 232 -11.85 1.19 9.53
N SER A 233 -11.04 0.15 9.64
CA SER A 233 -10.91 -0.61 10.89
C SER A 233 -9.69 -0.21 11.70
N TYR A 234 -9.02 0.87 11.29
CA TYR A 234 -7.83 1.37 11.97
C TYR A 234 -6.76 0.28 12.16
N GLY A 235 -6.55 -0.49 11.10
CA GLY A 235 -5.40 -1.38 11.09
C GLY A 235 -5.66 -2.74 11.72
N GLU A 236 -6.92 -3.09 11.90
CA GLU A 236 -7.25 -4.46 12.27
C GLU A 236 -6.73 -5.41 11.19
N ARG A 237 -6.36 -6.62 11.60
CA ARG A 237 -5.93 -7.63 10.66
C ARG A 237 -7.12 -8.22 9.90
N PRO A 238 -7.06 -8.23 8.56
CA PRO A 238 -8.15 -8.85 7.81
C PRO A 238 -8.36 -10.30 8.20
N TYR A 239 -9.61 -10.66 8.48
CA TYR A 239 -10.00 -12.01 8.90
C TYR A 239 -9.32 -12.40 10.19
N TRP A 240 -8.79 -11.42 10.92
CA TRP A 240 -8.25 -11.66 12.22
C TRP A 240 -7.22 -12.77 12.16
N GLU A 241 -7.35 -13.76 13.04
CA GLU A 241 -6.41 -14.88 13.04
C GLU A 241 -7.00 -16.21 12.54
N MET A 242 -8.02 -16.12 11.70
CA MET A 242 -8.62 -17.30 11.08
C MET A 242 -7.54 -18.13 10.40
N SER A 243 -7.70 -19.45 10.43
CA SER A 243 -6.77 -20.30 9.69
C SER A 243 -6.86 -19.92 8.21
N ASN A 244 -5.72 -19.98 7.53
CA ASN A 244 -5.66 -19.66 6.10
C ASN A 244 -6.65 -20.48 5.30
N GLN A 245 -6.79 -21.75 5.65
CA GLN A 245 -7.70 -22.62 4.92
C GLN A 245 -9.16 -22.18 5.06
N ASP A 246 -9.49 -21.58 6.21
CA ASP A 246 -10.84 -21.07 6.42
C ASP A 246 -11.07 -19.73 5.74
N VAL A 247 -10.06 -18.88 5.68
CA VAL A 247 -10.17 -17.64 4.91
C VAL A 247 -10.47 -17.97 3.45
N ILE A 248 -9.72 -18.91 2.90
CA ILE A 248 -9.93 -19.32 1.52
C ILE A 248 -11.33 -19.91 1.30
N LYS A 249 -11.73 -20.83 2.17
CA LYS A 249 -13.01 -21.50 1.99
C LYS A 249 -14.19 -20.54 2.21
N ALA A 250 -14.11 -19.72 3.26
CA ALA A 250 -15.19 -18.80 3.57
C ALA A 250 -15.42 -17.78 2.44
N VAL A 251 -14.34 -17.19 1.96
CA VAL A 251 -14.45 -16.18 0.91
C VAL A 251 -15.00 -16.82 -0.37
N ASP A 252 -14.52 -18.01 -0.67
CA ASP A 252 -15.01 -18.71 -1.85
C ASP A 252 -16.52 -18.98 -1.73
N GLU A 253 -16.99 -19.30 -0.52
CA GLU A 253 -18.41 -19.55 -0.29
C GLU A 253 -19.27 -18.28 -0.32
N GLY A 254 -18.64 -17.12 -0.40
CA GLY A 254 -19.36 -15.87 -0.53
C GLY A 254 -19.37 -15.00 0.71
N TYR A 255 -18.68 -15.46 1.75
CA TYR A 255 -18.57 -14.67 2.97
C TYR A 255 -17.59 -13.51 2.80
N ARG A 256 -17.92 -12.39 3.45
CA ARG A 256 -17.10 -11.20 3.35
C ARG A 256 -16.85 -10.61 4.74
N LEU A 257 -15.80 -9.81 4.85
CA LEU A 257 -15.53 -9.09 6.08
C LEU A 257 -16.72 -8.21 6.41
N PRO A 258 -17.04 -8.08 7.69
CA PRO A 258 -18.20 -7.29 8.14
C PRO A 258 -17.90 -5.80 8.13
N PRO A 259 -18.93 -4.96 8.17
CA PRO A 259 -18.65 -3.52 8.18
C PRO A 259 -17.91 -3.12 9.45
N PRO A 260 -16.83 -2.34 9.29
CA PRO A 260 -16.13 -1.82 10.46
C PRO A 260 -17.05 -0.93 11.30
N MET A 261 -16.74 -0.77 12.58
CA MET A 261 -17.54 0.09 13.45
C MET A 261 -17.67 1.50 12.86
N ASP A 262 -18.90 1.99 12.81
CA ASP A 262 -19.23 3.34 12.34
C ASP A 262 -18.85 3.58 10.87
N CYS A 263 -18.75 2.51 10.10
CA CYS A 263 -18.38 2.63 8.69
C CYS A 263 -19.54 3.17 7.89
N PRO A 264 -19.30 4.26 7.13
CA PRO A 264 -20.33 4.74 6.20
C PRO A 264 -20.79 3.65 5.25
N ALA A 265 -22.09 3.60 5.00
CA ALA A 265 -22.67 2.64 4.08
C ALA A 265 -22.02 2.69 2.69
N ALA A 266 -21.70 3.89 2.23
CA ALA A 266 -21.11 4.06 0.91
C ALA A 266 -19.75 3.34 0.83
N LEU A 267 -19.01 3.39 1.93
CA LEU A 267 -17.67 2.78 1.91
C LEU A 267 -17.77 1.28 2.07
N TYR A 268 -18.74 0.79 2.83
CA TYR A 268 -18.88 -0.66 2.93
C TYR A 268 -19.34 -1.24 1.60
N GLN A 269 -20.28 -0.55 0.94
CA GLN A 269 -20.68 -1.00 -0.38
C GLN A 269 -19.49 -1.01 -1.36
N LEU A 270 -18.58 -0.04 -1.25
CA LEU A 270 -17.42 -0.02 -2.14
C LEU A 270 -16.54 -1.24 -1.87
N MET A 271 -16.42 -1.63 -0.60
CA MET A 271 -15.70 -2.86 -0.26
C MET A 271 -16.36 -4.06 -0.95
N LEU A 272 -17.68 -4.17 -0.80
CA LEU A 272 -18.36 -5.32 -1.40
C LEU A 272 -18.21 -5.33 -2.91
N ASP A 273 -18.21 -4.15 -3.52
CA ASP A 273 -18.01 -4.05 -4.97
C ASP A 273 -16.62 -4.52 -5.37
N CYS A 274 -15.60 -4.14 -4.59
CA CYS A 274 -14.24 -4.61 -4.83
C CYS A 274 -14.10 -6.11 -4.63
N TRP A 275 -15.00 -6.69 -3.81
CA TRP A 275 -14.97 -8.10 -3.50
C TRP A 275 -15.97 -8.92 -4.31
N GLN A 276 -16.40 -8.43 -5.47
CA GLN A 276 -17.31 -9.22 -6.29
C GLN A 276 -16.62 -10.50 -6.72
N LYS A 277 -17.35 -11.62 -6.65
CA LYS A 277 -16.80 -12.91 -7.06
C LYS A 277 -16.34 -12.89 -8.52
N ASP A 278 -17.19 -12.36 -9.39
CA ASP A 278 -16.85 -12.17 -10.80
C ASP A 278 -15.97 -10.95 -10.94
N ARG A 279 -14.71 -11.14 -11.32
CA ARG A 279 -13.76 -10.03 -11.34
C ARG A 279 -14.15 -8.96 -12.36
N ASN A 280 -14.92 -9.33 -13.37
CA ASN A 280 -15.36 -8.34 -14.35
C ASN A 280 -16.40 -7.37 -13.79
N ASN A 281 -16.98 -7.73 -12.64
CA ASN A 281 -17.96 -6.87 -11.98
C ASN A 281 -17.35 -5.92 -10.96
N ARG A 282 -16.05 -6.07 -10.71
CA ARG A 282 -15.36 -5.13 -9.84
C ARG A 282 -15.13 -3.80 -10.56
N PRO A 283 -15.16 -2.69 -9.82
CA PRO A 283 -14.85 -1.41 -10.46
C PRO A 283 -13.39 -1.34 -10.89
N LYS A 284 -13.09 -0.53 -11.90
CA LYS A 284 -11.69 -0.24 -12.23
C LYS A 284 -11.18 0.82 -11.27
N PHE A 285 -9.87 0.96 -11.16
CA PHE A 285 -9.34 1.96 -10.23
C PHE A 285 -9.78 3.37 -10.58
N GLU A 286 -9.91 3.69 -11.87
CA GLU A 286 -10.42 5.01 -12.24
C GLU A 286 -11.80 5.27 -11.65
N GLN A 287 -12.63 4.24 -11.63
CA GLN A 287 -13.98 4.36 -11.06
C GLN A 287 -13.93 4.53 -9.54
N ILE A 288 -13.02 3.81 -8.90
CA ILE A 288 -12.84 3.93 -7.46
C ILE A 288 -12.44 5.34 -7.09
N VAL A 289 -11.47 5.91 -7.81
CA VAL A 289 -11.06 7.29 -7.56
C VAL A 289 -12.26 8.22 -7.71
N SER A 290 -13.04 8.02 -8.76
CA SER A 290 -14.25 8.84 -8.99
C SER A 290 -15.25 8.73 -7.84
N ILE A 291 -15.45 7.51 -7.34
CA ILE A 291 -16.37 7.28 -6.24
C ILE A 291 -15.92 8.03 -4.99
N LEU A 292 -14.63 7.94 -4.67
CA LEU A 292 -14.13 8.60 -3.48
C LEU A 292 -14.13 10.11 -3.62
N ASP A 293 -13.85 10.61 -4.83
CA ASP A 293 -13.91 12.04 -5.08
C ASP A 293 -15.33 12.57 -4.84
N LYS A 294 -16.34 11.80 -5.23
CA LYS A 294 -17.73 12.19 -4.96
C LYS A 294 -18.02 12.25 -3.47
N LEU A 295 -17.52 11.27 -2.72
CA LEU A 295 -17.73 11.25 -1.27
C LEU A 295 -17.04 12.45 -0.60
N ILE A 296 -15.87 12.82 -1.12
CA ILE A 296 -15.17 13.99 -0.59
C ILE A 296 -15.95 15.27 -0.89
N ARG A 297 -16.53 15.33 -2.08
CA ARG A 297 -17.31 16.47 -2.55
C ARG A 297 -18.64 16.57 -1.84
N ASN A 298 -19.15 15.43 -1.39
CA ASN A 298 -20.45 15.37 -0.71
C ASN A 298 -20.30 14.70 0.65
N PRO A 299 -19.65 15.39 1.59
CA PRO A 299 -19.33 14.80 2.90
C PRO A 299 -20.55 14.35 3.68
N GLY A 300 -21.71 14.90 3.35
CA GLY A 300 -22.95 14.54 4.01
C GLY A 300 -23.36 13.09 3.79
N SER A 301 -23.03 12.54 2.63
CA SER A 301 -23.38 11.16 2.31
C SER A 301 -22.67 10.16 3.23
N LEU A 302 -21.53 10.58 3.78
CA LEU A 302 -20.75 9.71 4.68
C LEU A 302 -21.39 9.54 6.05
N LYS A 303 -22.49 10.23 6.30
CA LYS A 303 -23.13 10.19 7.62
C LYS A 303 -24.16 9.05 7.73
N ILE A 304 -24.52 8.45 6.61
CA ILE A 304 -25.31 7.22 6.65
C ILE A 304 -24.41 6.04 6.97
N ILE A 305 -24.66 5.40 8.11
CA ILE A 305 -23.82 4.33 8.62
C ILE A 305 -24.47 2.97 8.37
N THR A 306 -23.65 1.93 8.13
CA THR A 306 -24.19 0.60 7.87
C THR A 306 -24.84 0.02 9.13
N PRO A 312 -25.20 -13.59 13.23
CA PRO A 312 -25.21 -14.99 12.76
C PRO A 312 -23.80 -15.55 12.66
N SER A 313 -22.91 -14.78 12.05
CA SER A 313 -21.51 -15.18 11.92
C SER A 313 -20.62 -13.93 11.89
N ASN A 314 -19.33 -14.09 12.14
CA ASN A 314 -18.40 -12.96 12.11
C ASN A 314 -18.30 -12.37 10.72
N LEU A 315 -18.14 -13.24 9.73
CA LEU A 315 -18.19 -12.84 8.34
C LEU A 315 -19.65 -12.80 7.88
N LEU A 316 -19.95 -11.95 6.91
CA LEU A 316 -21.31 -11.81 6.40
C LEU A 316 -21.43 -12.45 5.03
N LEU A 317 -22.52 -13.17 4.81
CA LEU A 317 -22.75 -13.80 3.52
C LEU A 317 -23.34 -12.79 2.55
N ASP A 318 -22.55 -12.34 1.58
CA ASP A 318 -23.01 -11.36 0.61
C ASP A 318 -23.68 -12.05 -0.59
C1 25Q B . 9.96 -0.53 8.39
C2 25Q B . 10.32 -1.46 7.40
C3 25Q B . 10.56 -1.07 6.10
C4 25Q B . 10.45 0.27 5.74
C5 25Q B . 10.07 1.26 6.79
C6 25Q B . 9.83 0.83 8.08
O23 25Q B . 9.96 6.55 4.57
C22 25Q B . 9.82 5.53 5.22
N24 25Q B . 9.40 5.52 6.48
C9 25Q B . 10.15 4.25 4.55
C10 25Q B . 10.51 4.00 3.17
N21 25Q B . 10.58 4.96 2.20
N11 25Q B . 10.69 2.69 3.00
C12 25Q B . 10.56 1.96 4.14
N13 25Q B . 10.68 0.65 4.45
C8 25Q B . 10.19 2.92 5.21
N7 25Q B . 9.94 2.58 6.49
C14 25Q B . 11.09 2.15 1.85
C19 25Q B . 10.36 1.30 1.03
C18 25Q B . 10.88 0.79 -0.15
C17 25Q B . 12.18 1.11 -0.55
C16 25Q B . 12.93 1.95 0.24
C15 25Q B . 12.39 2.44 1.42
O30 25Q B . 14.22 2.29 -0.10
C35 25Q B . 14.87 3.36 0.59
#